data_3DQP
#
_entry.id   3DQP
#
_cell.length_a   50.567
_cell.length_b   34.790
_cell.length_c   66.379
_cell.angle_alpha   90.00
_cell.angle_beta   102.91
_cell.angle_gamma   90.00
#
_symmetry.space_group_name_H-M   'P 1 2 1'
#
loop_
_entity.id
_entity.type
_entity.pdbx_description
1 polymer 'Oxidoreductase ylbE'
2 water water
#
_entity_poly.entity_id   1
_entity_poly.type   'polypeptide(L)'
_entity_poly.pdbx_seq_one_letter_code
;(MSE)KIFIVGSTGRVGKSLLKSLSTTDYQIYAGARKVEQVPQYNNVKAVHFDVDWTPEE(MSE)AKQLHG(MSE)DAII
NVSGSGGKSLLKVDLYGAVKL(MSE)QAAEKAEVKRFILLSTIFSLQPEKWIGAGFDALKDYYIAKHFADLYLTKETNLD
YTIIQPGALTEEEATGLIDINDEVSASNTIGDVADTIKELV(MSE)TDHSIGKVIS(MSE)HNGKTAIKEALESLLEHHH
HHH
;
_entity_poly.pdbx_strand_id   A
#
# COMPACT_ATOMS: atom_id res chain seq x y z
N LYS A 2 1.29 12.32 11.20
CA LYS A 2 2.39 12.45 10.23
C LYS A 2 2.54 11.14 9.47
N ILE A 3 2.39 11.21 8.16
CA ILE A 3 2.40 10.01 7.32
C ILE A 3 3.49 10.11 6.26
N PHE A 4 4.33 9.09 6.19
CA PHE A 4 5.39 9.03 5.18
C PHE A 4 4.95 8.14 4.03
N ILE A 5 5.11 8.64 2.81
CA ILE A 5 4.70 7.93 1.61
C ILE A 5 5.93 7.50 0.82
N VAL A 6 5.99 6.21 0.50
CA VAL A 6 7.01 5.70 -0.42
C VAL A 6 6.31 5.30 -1.72
N GLY A 7 6.85 5.74 -2.85
CA GLY A 7 6.21 5.56 -4.13
C GLY A 7 5.44 6.79 -4.58
N SER A 8 5.73 7.91 -3.91
CA SER A 8 5.06 9.20 -4.14
C SER A 8 4.89 9.65 -5.58
N THR A 9 5.90 9.37 -6.41
CA THR A 9 5.88 9.90 -7.78
C THR A 9 5.36 8.91 -8.81
N GLY A 10 5.01 7.70 -8.36
CA GLY A 10 4.34 6.73 -9.22
C GLY A 10 2.86 7.07 -9.36
N ARG A 11 2.16 6.34 -10.23
CA ARG A 11 0.76 6.65 -10.52
C ARG A 11 -0.16 6.55 -9.31
N VAL A 12 -0.05 5.47 -8.55
CA VAL A 12 -0.85 5.31 -7.34
C VAL A 12 -0.41 6.35 -6.30
N GLY A 13 0.89 6.54 -6.15
CA GLY A 13 1.42 7.54 -5.24
C GLY A 13 0.87 8.94 -5.48
N LYS A 14 0.84 9.36 -6.73
CA LYS A 14 0.28 10.68 -7.06
C LYS A 14 -1.21 10.79 -6.73
N SER A 15 -1.95 9.71 -6.95
CA SER A 15 -3.37 9.67 -6.58
C SER A 15 -3.54 9.73 -5.07
N LEU A 16 -2.66 9.02 -4.36
CA LEU A 16 -2.71 9.00 -2.90
C LEU A 16 -2.38 10.38 -2.33
N LEU A 17 -1.42 11.08 -2.92
CA LEU A 17 -1.10 12.43 -2.48
C LEU A 17 -2.30 13.35 -2.70
N LYS A 18 -2.94 13.25 -3.86
CA LYS A 18 -4.16 13.99 -4.12
C LYS A 18 -5.22 13.66 -3.05
N SER A 19 -5.42 12.37 -2.78
CA SER A 19 -6.42 11.94 -1.80
C SER A 19 -6.12 12.51 -0.40
N LEU A 20 -4.85 12.46 -0.02
CA LEU A 20 -4.46 12.89 1.32
C LEU A 20 -4.35 14.41 1.46
N SER A 21 -4.34 15.12 0.33
CA SER A 21 -4.15 16.57 0.34
C SER A 21 -5.29 17.31 1.04
N THR A 22 -6.44 16.66 1.16
CA THR A 22 -7.63 17.28 1.72
C THR A 22 -7.95 16.76 3.13
N THR A 23 -6.93 16.19 3.77
CA THR A 23 -7.02 15.72 5.15
C THR A 23 -6.27 16.66 6.09
N ASP A 24 -6.40 16.41 7.39
CA ASP A 24 -5.67 17.15 8.42
C ASP A 24 -4.30 16.56 8.71
N TYR A 25 -3.89 15.54 7.94
CA TYR A 25 -2.56 14.95 8.11
C TYR A 25 -1.45 15.83 7.60
N GLN A 26 -0.26 15.60 8.13
CA GLN A 26 0.95 16.17 7.59
C GLN A 26 1.60 15.06 6.77
N ILE A 27 1.75 15.28 5.47
CA ILE A 27 2.25 14.26 4.56
C ILE A 27 3.70 14.52 4.21
N TYR A 28 4.50 13.46 4.32
CA TYR A 28 5.91 13.51 3.97
C TYR A 28 6.09 12.56 2.80
N ALA A 29 6.27 13.14 1.61
CA ALA A 29 6.29 12.39 0.36
C ALA A 29 7.71 12.04 -0.03
N GLY A 30 8.10 10.80 0.18
CA GLY A 30 9.44 10.33 -0.19
C GLY A 30 9.60 10.21 -1.69
N ALA A 31 10.74 10.66 -2.22
CA ALA A 31 10.99 10.61 -3.65
C ALA A 31 12.47 10.70 -3.92
N ARG A 32 12.92 9.99 -4.94
CA ARG A 32 14.31 10.08 -5.37
C ARG A 32 14.62 11.50 -5.84
N LYS A 33 13.69 12.11 -6.57
CA LYS A 33 13.82 13.48 -7.03
C LYS A 33 12.69 14.31 -6.45
N VAL A 34 12.99 15.07 -5.39
CA VAL A 34 11.97 15.79 -4.64
C VAL A 34 11.13 16.75 -5.49
N GLU A 35 11.74 17.30 -6.55
CA GLU A 35 11.06 18.25 -7.43
C GLU A 35 9.93 17.61 -8.23
N GLN A 36 9.93 16.28 -8.30
CA GLN A 36 8.91 15.52 -9.02
C GLN A 36 7.64 15.28 -8.20
N VAL A 37 7.71 15.59 -6.91
CA VAL A 37 6.54 15.43 -6.03
C VAL A 37 5.54 16.54 -6.32
N PRO A 38 4.28 16.17 -6.63
CA PRO A 38 3.26 17.20 -6.87
C PRO A 38 3.07 18.07 -5.63
N GLN A 39 2.79 19.34 -5.85
CA GLN A 39 2.74 20.30 -4.77
C GLN A 39 1.35 20.36 -4.15
N TYR A 40 1.31 20.25 -2.83
CA TYR A 40 0.09 20.42 -2.04
C TYR A 40 0.43 21.10 -0.73
N ASN A 41 -0.51 21.87 -0.21
CA ASN A 41 -0.26 22.64 1.00
C ASN A 41 0.16 21.79 2.22
N ASN A 42 -0.34 20.57 2.30
CA ASN A 42 0.00 19.68 3.42
C ASN A 42 1.02 18.59 3.09
N VAL A 43 1.73 18.75 1.97
CA VAL A 43 2.73 17.76 1.53
C VAL A 43 4.13 18.37 1.54
N LYS A 44 5.06 17.69 2.21
CA LYS A 44 6.48 18.05 2.17
C LYS A 44 7.24 16.94 1.45
N ALA A 45 8.00 17.30 0.42
CA ALA A 45 8.81 16.33 -0.31
C ALA A 45 10.08 16.01 0.48
N VAL A 46 10.39 14.72 0.60
CA VAL A 46 11.55 14.24 1.34
C VAL A 46 12.37 13.33 0.42
N HIS A 47 13.68 13.55 0.39
CA HIS A 47 14.56 12.69 -0.39
C HIS A 47 14.50 11.27 0.17
N PHE A 48 14.20 10.31 -0.70
CA PHE A 48 14.08 8.91 -0.31
C PHE A 48 14.36 8.03 -1.52
N ASP A 49 15.19 7.02 -1.33
CA ASP A 49 15.60 6.14 -2.42
C ASP A 49 15.44 4.70 -1.99
N VAL A 50 14.72 3.94 -2.82
CA VAL A 50 14.43 2.52 -2.57
C VAL A 50 15.71 1.68 -2.55
N ASP A 51 16.74 2.16 -3.25
CA ASP A 51 18.05 1.50 -3.28
C ASP A 51 18.86 1.65 -1.99
N TRP A 52 18.44 2.54 -1.10
CA TRP A 52 19.12 2.73 0.17
C TRP A 52 19.02 1.51 1.09
N THR A 53 19.92 1.45 2.07
CA THR A 53 19.86 0.44 3.12
C THR A 53 18.73 0.78 4.11
N PRO A 54 18.27 -0.21 4.91
CA PRO A 54 17.29 0.10 5.96
C PRO A 54 17.74 1.24 6.90
N GLU A 55 19.02 1.26 7.27
CA GLU A 55 19.53 2.30 8.16
C GLU A 55 19.51 3.70 7.52
N GLU A 56 19.86 3.76 6.23
CA GLU A 56 19.77 5.02 5.48
C GLU A 56 18.32 5.50 5.40
N ALA A 58 15.85 4.69 7.46
CA ALA A 58 15.36 5.00 8.80
C ALA A 58 15.61 6.45 9.22
N LYS A 59 16.68 7.04 8.70
CA LYS A 59 17.01 8.45 8.97
C LYS A 59 15.90 9.41 8.59
N GLN A 60 15.09 9.02 7.59
CA GLN A 60 14.02 9.88 7.07
C GLN A 60 12.68 9.63 7.75
N LEU A 61 12.61 8.55 8.54
CA LEU A 61 11.35 8.06 9.08
C LEU A 61 11.11 8.42 10.55
N HIS A 62 12.11 9.05 11.17
CA HIS A 62 12.02 9.39 12.58
C HIS A 62 10.82 10.31 12.83
N GLY A 63 10.02 9.96 13.83
CA GLY A 63 8.88 10.78 14.24
C GLY A 63 7.64 10.67 13.37
N ASP A 65 4.16 8.89 12.16
CA ASP A 65 3.10 8.12 12.81
C ASP A 65 2.67 6.90 12.00
N ALA A 66 2.88 6.96 10.69
CA ALA A 66 2.52 5.86 9.81
C ALA A 66 3.36 5.92 8.55
N ILE A 67 3.56 4.76 7.95
CA ILE A 67 4.28 4.65 6.68
C ILE A 67 3.37 3.92 5.70
N ILE A 68 3.24 4.46 4.50
CA ILE A 68 2.45 3.82 3.45
C ILE A 68 3.36 3.52 2.27
N ASN A 69 3.41 2.24 1.88
CA ASN A 69 4.16 1.83 0.72
C ASN A 69 3.24 1.62 -0.48
N VAL A 70 3.35 2.52 -1.44
CA VAL A 70 2.69 2.39 -2.74
C VAL A 70 3.74 2.46 -3.85
N SER A 71 4.91 1.88 -3.58
CA SER A 71 6.00 1.86 -4.54
C SER A 71 6.00 0.58 -5.37
N GLY A 72 6.09 0.75 -6.68
CA GLY A 72 6.24 -0.34 -7.63
C GLY A 72 7.20 0.07 -8.74
N SER A 73 7.63 -0.89 -9.54
CA SER A 73 8.58 -0.62 -10.62
C SER A 73 7.96 -0.78 -12.00
N GLY A 74 6.63 -0.85 -12.06
CA GLY A 74 5.93 -1.12 -13.31
C GLY A 74 6.40 -2.41 -13.98
N GLY A 75 6.84 -3.36 -13.17
CA GLY A 75 7.32 -4.66 -13.65
C GLY A 75 8.74 -4.69 -14.17
N LYS A 76 9.45 -3.57 -14.06
CA LYS A 76 10.77 -3.39 -14.69
C LYS A 76 11.94 -3.65 -13.75
N SER A 77 11.68 -3.69 -12.45
CA SER A 77 12.74 -3.92 -11.46
C SER A 77 12.16 -4.60 -10.22
N LEU A 78 11.62 -5.80 -10.42
CA LEU A 78 10.82 -6.48 -9.41
C LEU A 78 11.61 -6.92 -8.18
N LEU A 79 12.81 -7.46 -8.40
CA LEU A 79 13.63 -7.90 -7.27
C LEU A 79 14.12 -6.73 -6.42
N LYS A 80 14.60 -5.68 -7.08
CA LYS A 80 15.16 -4.51 -6.38
C LYS A 80 14.09 -3.66 -5.69
N VAL A 81 12.96 -3.44 -6.36
CA VAL A 81 11.97 -2.47 -5.86
C VAL A 81 10.80 -3.16 -5.14
N ASP A 82 10.06 -3.99 -5.87
CA ASP A 82 8.82 -4.57 -5.34
C ASP A 82 9.04 -5.60 -4.23
N LEU A 83 10.19 -6.26 -4.25
CA LEU A 83 10.54 -7.20 -3.20
C LEU A 83 11.53 -6.60 -2.20
N TYR A 84 12.77 -6.40 -2.62
CA TYR A 84 13.82 -6.00 -1.69
C TYR A 84 13.59 -4.60 -1.12
N GLY A 85 13.23 -3.65 -1.99
CA GLY A 85 12.93 -2.29 -1.53
C GLY A 85 11.83 -2.27 -0.49
N ALA A 86 10.76 -3.03 -0.75
CA ALA A 86 9.63 -3.12 0.17
C ALA A 86 10.04 -3.71 1.52
N VAL A 87 10.83 -4.77 1.47
CA VAL A 87 11.30 -5.41 2.70
C VAL A 87 12.26 -4.50 3.48
N LYS A 88 13.17 -3.83 2.78
CA LYS A 88 14.09 -2.91 3.44
C LYS A 88 13.32 -1.79 4.14
N LEU A 89 12.23 -1.32 3.52
CA LEU A 89 11.38 -0.30 4.13
C LEU A 89 10.75 -0.78 5.45
N GLN A 91 12.07 -3.09 7.41
CA GLN A 91 13.20 -3.12 8.33
C GLN A 91 13.51 -1.71 8.84
N ALA A 92 13.42 -0.73 7.94
CA ALA A 92 13.65 0.68 8.27
C ALA A 92 12.61 1.20 9.26
N ALA A 93 11.35 0.82 9.06
CA ALA A 93 10.26 1.25 9.92
C ALA A 93 10.50 0.78 11.35
N GLU A 94 10.94 -0.48 11.49
CA GLU A 94 11.21 -1.05 12.79
C GLU A 94 12.41 -0.35 13.45
N LYS A 95 13.46 -0.09 12.68
CA LYS A 95 14.62 0.65 13.17
C LYS A 95 14.24 2.05 13.64
N ALA A 96 13.36 2.70 12.89
CA ALA A 96 12.92 4.05 13.20
C ALA A 96 11.83 4.07 14.27
N GLU A 97 11.36 2.88 14.66
CA GLU A 97 10.31 2.72 15.68
C GLU A 97 8.98 3.35 15.25
N VAL A 98 8.60 3.09 14.00
CA VAL A 98 7.30 3.47 13.47
C VAL A 98 6.49 2.19 13.31
N LYS A 99 5.36 2.11 14.00
CA LYS A 99 4.58 0.87 14.04
C LYS A 99 3.58 0.69 12.90
N ARG A 100 2.85 1.75 12.55
CA ARG A 100 1.76 1.63 11.58
C ARG A 100 2.31 1.60 10.15
N PHE A 101 1.95 0.55 9.41
CA PHE A 101 2.53 0.30 8.10
C PHE A 101 1.46 -0.24 7.16
N ILE A 102 1.19 0.49 6.08
CA ILE A 102 0.18 0.06 5.12
C ILE A 102 0.88 -0.24 3.80
N LEU A 103 0.65 -1.44 3.28
CA LEU A 103 1.29 -1.89 2.06
C LEU A 103 0.27 -2.19 0.96
N LEU A 104 0.50 -1.58 -0.20
CA LEU A 104 -0.25 -1.89 -1.41
C LEU A 104 0.34 -3.15 -2.03
N SER A 105 -0.48 -4.19 -2.12
CA SER A 105 -0.10 -5.43 -2.75
C SER A 105 -1.09 -5.73 -3.88
N THR A 106 -1.51 -6.98 -4.00
CA THR A 106 -2.32 -7.40 -5.13
C THR A 106 -3.20 -8.59 -4.79
N ILE A 107 -4.37 -8.68 -5.43
CA ILE A 107 -5.34 -9.76 -5.21
C ILE A 107 -4.66 -11.14 -5.23
N PHE A 108 -4.94 -11.94 -4.21
CA PHE A 108 -4.41 -13.32 -4.07
C PHE A 108 -2.90 -13.40 -3.85
N SER A 109 -2.26 -12.31 -3.42
CA SER A 109 -0.81 -12.32 -3.24
C SER A 109 -0.32 -13.39 -2.27
N LEU A 110 -1.18 -13.80 -1.33
CA LEU A 110 -0.80 -14.84 -0.35
C LEU A 110 -1.49 -16.18 -0.61
N GLN A 111 -2.05 -16.32 -1.80
CA GLN A 111 -2.78 -17.52 -2.21
C GLN A 111 -2.28 -18.02 -3.56
N PRO A 112 -1.06 -18.60 -3.60
CA PRO A 112 -0.53 -19.09 -4.89
C PRO A 112 -1.43 -20.13 -5.56
N GLU A 113 -2.21 -20.84 -4.75
CA GLU A 113 -3.20 -21.80 -5.23
C GLU A 113 -4.31 -21.17 -6.08
N LYS A 114 -4.39 -19.84 -6.09
CA LYS A 114 -5.39 -19.12 -6.89
C LYS A 114 -4.77 -18.36 -8.08
N TRP A 115 -3.47 -18.55 -8.28
CA TRP A 115 -2.81 -17.95 -9.44
C TRP A 115 -3.09 -18.82 -10.66
N ILE A 116 -4.34 -18.74 -11.11
CA ILE A 116 -4.86 -19.62 -12.15
C ILE A 116 -5.16 -18.85 -13.43
N GLY A 117 -4.61 -19.33 -14.53
CA GLY A 117 -4.98 -18.83 -15.85
C GLY A 117 -3.99 -17.84 -16.43
N ALA A 118 -4.28 -17.42 -17.66
CA ALA A 118 -3.37 -16.59 -18.46
C ALA A 118 -3.06 -15.23 -17.86
N GLY A 119 -4.02 -14.67 -17.11
CA GLY A 119 -3.84 -13.36 -16.49
C GLY A 119 -2.76 -13.39 -15.43
N PHE A 120 -2.82 -14.41 -14.57
CA PHE A 120 -1.80 -14.59 -13.54
C PHE A 120 -0.47 -15.07 -14.13
N ASP A 121 -0.53 -15.89 -15.17
CA ASP A 121 0.66 -16.34 -15.89
C ASP A 121 1.51 -15.16 -16.39
N ALA A 122 0.85 -14.17 -16.99
CA ALA A 122 1.53 -12.99 -17.53
C ALA A 122 2.17 -12.13 -16.42
N LEU A 123 1.61 -12.21 -15.22
CA LEU A 123 2.09 -11.43 -14.09
C LEU A 123 2.80 -12.28 -13.04
N LYS A 124 3.30 -13.44 -13.46
CA LYS A 124 3.88 -14.39 -12.51
C LYS A 124 5.06 -13.82 -11.73
N ASP A 125 6.00 -13.17 -12.43
CA ASP A 125 7.15 -12.57 -11.77
C ASP A 125 6.72 -11.51 -10.76
N TYR A 126 5.80 -10.63 -11.15
CA TYR A 126 5.22 -9.66 -10.23
C TYR A 126 4.63 -10.34 -9.01
N TYR A 127 3.81 -11.37 -9.24
CA TYR A 127 3.21 -12.13 -8.15
C TYR A 127 4.23 -12.73 -7.18
N ILE A 128 5.32 -13.27 -7.71
CA ILE A 128 6.35 -13.86 -6.84
C ILE A 128 6.98 -12.77 -5.97
N ALA A 129 7.35 -11.64 -6.58
CA ALA A 129 7.95 -10.54 -5.82
C ALA A 129 7.02 -10.06 -4.71
N LYS A 130 5.74 -9.84 -5.05
CA LYS A 130 4.78 -9.34 -4.06
C LYS A 130 4.50 -10.38 -2.98
N HIS A 131 4.42 -11.65 -3.38
CA HIS A 131 4.21 -12.74 -2.44
C HIS A 131 5.26 -12.76 -1.33
N PHE A 132 6.53 -12.71 -1.71
CA PHE A 132 7.59 -12.79 -0.72
C PHE A 132 7.70 -11.56 0.18
N ALA A 133 7.39 -10.39 -0.36
CA ALA A 133 7.31 -9.19 0.49
C ALA A 133 6.17 -9.28 1.50
N ASP A 134 5.02 -9.83 1.07
CA ASP A 134 3.88 -10.02 1.97
C ASP A 134 4.13 -11.08 3.04
N LEU A 135 4.84 -12.14 2.68
CA LEU A 135 5.27 -13.13 3.67
C LEU A 135 6.16 -12.49 4.71
N TYR A 136 7.10 -11.66 4.26
CA TYR A 136 7.99 -10.97 5.18
C TYR A 136 7.22 -10.09 6.15
N LEU A 137 6.30 -9.28 5.63
CA LEU A 137 5.53 -8.38 6.48
C LEU A 137 4.71 -9.14 7.53
N THR A 138 4.05 -10.22 7.10
CA THR A 138 3.14 -10.96 7.96
C THR A 138 3.84 -11.94 8.90
N LYS A 139 5.06 -12.35 8.55
CA LYS A 139 5.77 -13.39 9.32
C LYS A 139 7.08 -12.93 9.97
N GLU A 140 7.73 -11.92 9.41
CA GLU A 140 9.07 -11.55 9.86
C GLU A 140 9.22 -10.11 10.36
N THR A 141 8.08 -9.48 10.66
CA THR A 141 8.08 -8.16 11.31
C THR A 141 7.13 -8.16 12.49
N ASN A 142 7.23 -7.12 13.31
CA ASN A 142 6.29 -6.89 14.39
C ASN A 142 5.44 -5.62 14.16
N LEU A 143 5.32 -5.22 12.89
CA LEU A 143 4.61 -4.00 12.54
C LEU A 143 3.09 -4.08 12.71
N ASP A 144 2.47 -2.94 12.97
CA ASP A 144 1.01 -2.82 12.97
C ASP A 144 0.59 -2.63 11.53
N TYR A 145 0.53 -3.74 10.80
CA TYR A 145 0.41 -3.68 9.34
C TYR A 145 -1.02 -3.82 8.83
N THR A 146 -1.24 -3.30 7.63
CA THR A 146 -2.39 -3.67 6.84
C THR A 146 -1.90 -3.86 5.41
N ILE A 147 -2.30 -4.97 4.80
CA ILE A 147 -2.04 -5.20 3.37
C ILE A 147 -3.36 -5.05 2.62
N ILE A 148 -3.39 -4.13 1.65
CA ILE A 148 -4.53 -3.99 0.77
C ILE A 148 -4.21 -4.65 -0.58
N GLN A 149 -5.12 -5.50 -1.05
CA GLN A 149 -4.89 -6.31 -2.23
C GLN A 149 -5.95 -6.02 -3.30
N PRO A 150 -5.75 -4.96 -4.08
CA PRO A 150 -6.68 -4.65 -5.17
C PRO A 150 -6.50 -5.54 -6.39
N GLY A 151 -7.52 -5.57 -7.23
CA GLY A 151 -7.39 -6.16 -8.56
C GLY A 151 -6.77 -5.17 -9.52
N ALA A 152 -6.95 -5.45 -10.82
CA ALA A 152 -6.33 -4.64 -11.87
C ALA A 152 -6.64 -3.16 -11.71
N LEU A 153 -5.61 -2.32 -11.87
CA LEU A 153 -5.74 -0.88 -11.69
C LEU A 153 -6.19 -0.17 -12.97
N THR A 154 -7.25 0.63 -12.87
CA THR A 154 -7.70 1.41 -14.02
C THR A 154 -7.54 2.90 -13.74
N GLU A 155 -7.56 3.70 -14.81
CA GLU A 155 -7.46 5.15 -14.66
C GLU A 155 -8.80 5.86 -14.86
N GLU A 156 -9.88 5.08 -14.79
CA GLU A 156 -11.24 5.64 -14.81
C GLU A 156 -11.50 6.43 -13.54
N GLU A 157 -12.52 7.29 -13.56
CA GLU A 157 -12.82 8.15 -12.42
C GLU A 157 -13.33 7.36 -11.22
N ALA A 158 -12.88 7.72 -10.03
CA ALA A 158 -13.28 7.04 -8.81
C ALA A 158 -14.79 6.98 -8.67
N THR A 159 -15.31 5.83 -8.23
CA THR A 159 -16.75 5.67 -8.01
C THR A 159 -17.13 5.82 -6.53
N GLY A 160 -16.15 5.69 -5.64
CA GLY A 160 -16.43 5.68 -4.20
C GLY A 160 -16.99 4.36 -3.69
N LEU A 161 -17.17 3.39 -4.59
CA LEU A 161 -17.85 2.15 -4.22
C LEU A 161 -16.98 0.93 -4.51
N ILE A 162 -16.81 0.11 -3.48
CA ILE A 162 -15.93 -1.06 -3.54
C ILE A 162 -16.65 -2.27 -2.95
N ASP A 163 -16.02 -3.43 -3.07
CA ASP A 163 -16.40 -4.56 -2.23
C ASP A 163 -15.12 -5.28 -1.85
N ILE A 164 -15.15 -5.92 -0.69
CA ILE A 164 -13.93 -6.45 -0.10
C ILE A 164 -14.07 -7.90 0.38
N ASN A 165 -12.94 -8.58 0.46
CA ASN A 165 -12.84 -9.89 1.14
C ASN A 165 -13.82 -10.94 0.62
N ASP A 166 -13.99 -10.96 -0.70
CA ASP A 166 -14.97 -11.83 -1.33
C ASP A 166 -14.32 -12.81 -2.30
N GLU A 167 -12.98 -12.93 -2.23
CA GLU A 167 -12.22 -13.85 -3.08
C GLU A 167 -12.41 -13.58 -4.57
N VAL A 168 -12.70 -12.34 -4.93
CA VAL A 168 -12.93 -11.94 -6.30
C VAL A 168 -11.79 -11.05 -6.79
N SER A 169 -11.26 -11.41 -7.96
CA SER A 169 -10.33 -10.57 -8.70
C SER A 169 -11.13 -9.78 -9.74
N ALA A 170 -11.18 -8.47 -9.57
CA ALA A 170 -11.84 -7.60 -10.54
C ALA A 170 -11.20 -6.23 -10.46
N SER A 171 -11.43 -5.40 -11.48
CA SER A 171 -10.75 -4.12 -11.55
C SER A 171 -11.20 -3.11 -10.50
N ASN A 172 -10.32 -2.15 -10.23
CA ASN A 172 -10.63 -1.01 -9.38
C ASN A 172 -9.88 0.22 -9.88
N THR A 173 -10.53 1.37 -9.81
CA THR A 173 -9.86 2.61 -10.23
C THR A 173 -8.74 2.91 -9.24
N ILE A 174 -7.69 3.56 -9.73
CA ILE A 174 -6.60 3.98 -8.88
C ILE A 174 -7.11 4.92 -7.77
N GLY A 175 -8.02 5.83 -8.13
CA GLY A 175 -8.58 6.76 -7.15
C GLY A 175 -9.26 6.05 -6.00
N ASP A 176 -10.01 5.00 -6.29
CA ASP A 176 -10.68 4.23 -5.23
C ASP A 176 -9.67 3.44 -4.40
N VAL A 177 -8.59 2.96 -5.00
CA VAL A 177 -7.53 2.32 -4.23
C VAL A 177 -6.90 3.34 -3.27
N ALA A 178 -6.59 4.54 -3.78
CA ALA A 178 -6.01 5.62 -2.98
C ALA A 178 -6.94 6.01 -1.82
N ASP A 179 -8.23 6.18 -2.12
CA ASP A 179 -9.21 6.56 -1.09
C ASP A 179 -9.43 5.46 -0.04
N THR A 180 -9.30 4.20 -0.46
CA THR A 180 -9.38 3.10 0.48
C THR A 180 -8.17 3.12 1.41
N ILE A 181 -6.99 3.37 0.85
CA ILE A 181 -5.78 3.49 1.67
C ILE A 181 -5.94 4.65 2.65
N LYS A 182 -6.44 5.79 2.17
CA LYS A 182 -6.68 6.95 3.04
C LYS A 182 -7.56 6.57 4.22
N GLU A 183 -8.63 5.81 3.96
CA GLU A 183 -9.54 5.40 5.03
C GLU A 183 -8.89 4.39 5.99
N LEU A 184 -8.04 3.51 5.44
CA LEU A 184 -7.34 2.51 6.27
C LEU A 184 -6.45 3.14 7.35
N VAL A 185 -5.89 4.31 7.05
CA VAL A 185 -5.12 5.10 8.04
C VAL A 185 -5.94 5.31 9.31
N THR A 187 -8.47 3.37 10.36
CA THR A 187 -9.20 2.14 10.63
C THR A 187 -8.33 1.21 11.46
N ASP A 188 -8.31 1.42 12.77
CA ASP A 188 -7.44 0.68 13.66
C ASP A 188 -7.71 -0.83 13.67
N HIS A 189 -8.95 -1.22 13.44
CA HIS A 189 -9.28 -2.64 13.40
C HIS A 189 -8.69 -3.39 12.21
N SER A 190 -8.14 -2.64 11.24
CA SER A 190 -7.46 -3.25 10.09
C SER A 190 -6.00 -3.58 10.40
N ILE A 191 -5.53 -3.24 11.61
CA ILE A 191 -4.17 -3.60 12.02
C ILE A 191 -4.04 -5.12 12.13
N GLY A 192 -3.00 -5.67 11.51
CA GLY A 192 -2.78 -7.12 11.48
C GLY A 192 -3.59 -7.84 10.43
N LYS A 193 -4.24 -7.08 9.55
CA LYS A 193 -5.19 -7.67 8.59
C LYS A 193 -4.74 -7.53 7.14
N VAL A 194 -5.15 -8.51 6.35
CA VAL A 194 -4.99 -8.52 4.90
C VAL A 194 -6.40 -8.41 4.33
N ILE A 195 -6.60 -7.44 3.43
CA ILE A 195 -7.92 -7.12 2.89
C ILE A 195 -7.83 -7.07 1.37
N SER A 196 -8.73 -7.79 0.71
CA SER A 196 -8.80 -7.73 -0.76
C SER A 196 -9.92 -6.78 -1.19
N HIS A 198 -12.05 -4.76 -4.87
CA HIS A 198 -12.28 -4.38 -6.26
C HIS A 198 -13.37 -3.31 -6.25
N ASN A 199 -13.57 -2.64 -7.38
CA ASN A 199 -14.75 -1.75 -7.50
C ASN A 199 -16.02 -2.57 -7.35
N GLY A 200 -17.03 -1.97 -6.70
CA GLY A 200 -18.24 -2.71 -6.37
C GLY A 200 -19.36 -1.78 -5.98
N LYS A 201 -20.09 -2.14 -4.93
CA LYS A 201 -21.37 -1.52 -4.60
C LYS A 201 -21.43 -0.79 -3.26
N THR A 202 -20.37 -0.87 -2.48
CA THR A 202 -20.40 -0.44 -1.08
C THR A 202 -19.49 0.75 -0.87
N ALA A 203 -20.00 1.80 -0.22
CA ALA A 203 -19.15 2.95 0.07
C ALA A 203 -17.95 2.48 0.89
N ILE A 204 -16.79 3.05 0.57
CA ILE A 204 -15.52 2.61 1.17
C ILE A 204 -15.59 2.55 2.69
N LYS A 205 -16.07 3.63 3.32
CA LYS A 205 -16.16 3.68 4.77
C LYS A 205 -17.03 2.54 5.31
N GLU A 206 -18.20 2.34 4.71
CA GLU A 206 -19.13 1.29 5.12
C GLU A 206 -18.54 -0.11 4.90
N ALA A 207 -17.84 -0.29 3.78
CA ALA A 207 -17.17 -1.56 3.48
C ALA A 207 -16.17 -1.93 4.55
N LEU A 208 -15.32 -0.98 4.94
CA LEU A 208 -14.34 -1.23 6.00
C LEU A 208 -15.01 -1.43 7.36
N GLU A 209 -16.10 -0.71 7.60
CA GLU A 209 -16.86 -0.85 8.84
C GLU A 209 -17.40 -2.28 8.98
N SER A 210 -17.77 -2.89 7.85
CA SER A 210 -18.34 -4.25 7.83
C SER A 210 -17.36 -5.32 8.31
N LEU A 211 -16.08 -4.96 8.44
CA LEU A 211 -15.04 -5.87 8.93
C LEU A 211 -15.02 -6.00 10.45
N LEU A 212 -15.65 -5.05 11.15
CA LEU A 212 -15.75 -5.11 12.61
C LEU A 212 -16.54 -6.31 13.13
N GLU A 213 -17.50 -6.75 12.31
CA GLU A 213 -18.40 -7.85 12.65
C GLU A 213 -17.64 -9.13 13.05
N HIS A 214 -16.63 -9.48 12.27
CA HIS A 214 -15.89 -10.72 12.50
C HIS A 214 -14.38 -10.62 12.73
N HIS A 215 -13.82 -9.41 12.68
CA HIS A 215 -12.41 -9.28 12.97
C HIS A 215 -12.17 -9.52 14.47
N HIS A 216 -11.10 -10.23 14.77
CA HIS A 216 -10.69 -10.43 16.16
C HIS A 216 -9.32 -9.81 16.37
N HIS A 217 -9.18 -9.07 17.46
CA HIS A 217 -7.88 -8.55 17.83
C HIS A 217 -7.09 -9.62 18.57
N HIS A 218 -5.86 -9.86 18.13
CA HIS A 218 -4.98 -10.79 18.85
C HIS A 218 -4.27 -10.05 19.97
N HIS A 219 -4.71 -10.32 21.19
CA HIS A 219 -4.03 -9.78 22.38
C HIS A 219 -2.58 -10.21 22.40
#